data_7K99
#
_entry.id   7K99
#
_cell.length_a   35.763
_cell.length_b   158.047
_cell.length_c   49.072
_cell.angle_alpha   90.000
_cell.angle_beta   101.900
_cell.angle_gamma   90.000
#
_symmetry.space_group_name_H-M   'P 1 21 1'
#
loop_
_entity.id
_entity.type
_entity.pdbx_description
1 polymer 'UDP-3-O-acyl-N-acetylglucosamine deacetylase'
2 non-polymer GLYCEROL
3 non-polymer (hydroxy{(1S)-1-(methylsulfanyl)-2-[5-({4-[(morpholin-4-yl)methyl]phenyl}ethynyl)-1H-benzotriazol-1-yl]ethyl}amino)methanol
4 non-polymer 'SULFATE ION'
5 non-polymer 'ZINC ION'
6 water water
#
_entity_poly.entity_id   1
_entity_poly.type   'polypeptide(L)'
_entity_poly.pdbx_seq_one_letter_code
;MIKQRTLKNIIRATGVGLHSGEKVYLTLKPAPVDTGIVFCRTDLDPVVEIPARAENVGETTMSTTLVKGDVKVDTVEHLL
SAMAGLGIDNAYVELSASEVPIMDGSAGPFVFLIQSAGLQEQEAAKKFIRIKREVSVEEGDKRAVFVPFDGFKVSFEIDF
DHPVFRGRTQQASVDFSSTSFVKEVSRARTFGFMRDIEYLRSQNLALGGSVENAIVVDENRVLNEDGLRYEDEFVKHKIL
DAIGDLYLLGNSLIGEFRGFKSGHALNNQLLRTLIADKDAWEVVTFEDARTAPISYMRPAAAV
;
_entity_poly.pdbx_strand_id   A,C
#
# COMPACT_ATOMS: atom_id res chain seq x y z
N MET A 1 -4.89 5.57 25.18
CA MET A 1 -3.49 5.67 24.68
C MET A 1 -3.41 6.60 23.47
N ILE A 2 -2.21 7.09 23.18
CA ILE A 2 -2.00 7.82 21.91
C ILE A 2 -1.82 6.71 20.87
N LYS A 3 -2.64 6.68 19.86
CA LYS A 3 -2.71 5.57 18.88
C LYS A 3 -1.88 5.90 17.65
N GLN A 4 -1.39 4.87 16.96
CA GLN A 4 -0.82 5.01 15.60
C GLN A 4 -1.89 5.55 14.65
N ARG A 5 -1.46 6.22 13.61
CA ARG A 5 -2.37 6.78 12.58
C ARG A 5 -1.93 6.32 11.21
N THR A 6 -2.91 6.06 10.37
CA THR A 6 -2.75 5.91 8.91
C THR A 6 -3.80 6.80 8.25
N LEU A 7 -3.87 6.73 6.92
CA LEU A 7 -4.92 7.39 6.10
C LEU A 7 -6.20 6.55 6.14
N LYS A 8 -7.35 7.21 6.01
CA LYS A 8 -8.66 6.54 5.85
C LYS A 8 -8.82 6.02 4.41
N ASN A 9 -8.25 6.72 3.44
CA ASN A 9 -8.50 6.45 2.00
C ASN A 9 -7.18 6.59 1.22
N ILE A 10 -7.08 5.90 0.10
CA ILE A 10 -6.03 6.13 -0.93
C ILE A 10 -6.24 7.53 -1.50
N ILE A 11 -5.19 8.32 -1.65
CA ILE A 11 -5.34 9.61 -2.38
C ILE A 11 -4.18 9.78 -3.34
N ARG A 12 -4.43 10.49 -4.45
CA ARG A 12 -3.51 10.59 -5.61
C ARG A 12 -3.25 12.06 -5.89
N ALA A 13 -2.03 12.38 -6.26
CA ALA A 13 -1.65 13.72 -6.72
C ALA A 13 -0.73 13.59 -7.94
N THR A 14 -0.51 14.70 -8.64
CA THR A 14 0.45 14.74 -9.76
C THR A 14 1.24 16.02 -9.62
N GLY A 15 2.47 16.01 -10.09
CA GLY A 15 3.27 17.24 -10.03
C GLY A 15 4.55 17.05 -10.78
N VAL A 16 5.51 17.94 -10.56
CA VAL A 16 6.83 17.86 -11.22
C VAL A 16 7.91 17.77 -10.15
N GLY A 17 8.96 17.00 -10.42
CA GLY A 17 10.16 17.00 -9.58
C GLY A 17 10.91 18.30 -9.76
N LEU A 18 11.19 19.03 -8.69
CA LEU A 18 11.88 20.33 -8.84
C LEU A 18 13.29 20.08 -9.42
N HIS A 19 14.00 19.05 -8.98
CA HIS A 19 15.41 18.79 -9.42
C HIS A 19 15.38 18.25 -10.85
N SER A 20 14.55 17.23 -11.08
CA SER A 20 14.54 16.41 -12.32
C SER A 20 13.70 17.04 -13.44
N GLY A 21 12.66 17.82 -13.12
CA GLY A 21 11.71 18.31 -14.12
C GLY A 21 10.76 17.24 -14.62
N GLU A 22 10.78 16.06 -13.99
CA GLU A 22 9.98 14.90 -14.46
C GLU A 22 8.56 15.02 -13.90
N LYS A 23 7.57 14.77 -14.75
CA LYS A 23 6.15 14.54 -14.36
C LYS A 23 6.13 13.31 -13.44
N VAL A 24 5.51 13.41 -12.28
CA VAL A 24 5.41 12.23 -11.36
C VAL A 24 3.97 12.07 -10.89
N TYR A 25 3.54 10.82 -10.77
CA TYR A 25 2.25 10.42 -10.18
C TYR A 25 2.53 9.85 -8.79
N LEU A 26 1.90 10.45 -7.79
CA LEU A 26 2.12 10.13 -6.37
C LEU A 26 0.84 9.50 -5.84
N THR A 27 0.96 8.34 -5.22
CA THR A 27 -0.18 7.69 -4.53
C THR A 27 0.21 7.50 -3.06
N LEU A 28 -0.65 7.93 -2.15
CA LEU A 28 -0.54 7.65 -0.69
C LEU A 28 -1.59 6.60 -0.35
N LYS A 29 -1.15 5.46 0.18
CA LYS A 29 -2.05 4.32 0.51
C LYS A 29 -2.03 4.08 2.01
N PRO A 30 -3.22 3.87 2.61
CA PRO A 30 -3.29 3.38 3.98
C PRO A 30 -2.45 2.12 4.21
N ALA A 31 -1.85 2.02 5.40
CA ALA A 31 -1.01 0.87 5.77
C ALA A 31 -1.34 0.42 7.18
N PRO A 32 -1.10 -0.87 7.50
CA PRO A 32 -1.42 -1.41 8.81
C PRO A 32 -0.40 -1.02 9.89
N VAL A 33 -0.71 -1.38 11.12
CA VAL A 33 0.09 -1.11 12.35
C VAL A 33 1.54 -1.57 12.13
N ASP A 34 2.49 -0.77 12.63
CA ASP A 34 3.95 -1.05 12.61
C ASP A 34 4.48 -1.19 11.17
N THR A 35 3.89 -0.50 10.18
CA THR A 35 4.45 -0.45 8.82
C THR A 35 5.55 0.60 8.72
N GLY A 36 5.33 1.77 9.34
CA GLY A 36 6.19 2.94 9.10
C GLY A 36 5.80 3.56 7.76
N ILE A 37 6.59 4.52 7.29
CA ILE A 37 6.41 5.17 5.96
C ILE A 37 7.35 4.40 5.02
N VAL A 38 6.77 3.84 3.96
CA VAL A 38 7.53 3.00 3.00
C VAL A 38 7.34 3.56 1.60
N PHE A 39 8.43 3.94 0.94
CA PHE A 39 8.41 4.51 -0.43
C PHE A 39 8.55 3.34 -1.40
N CYS A 40 7.89 3.40 -2.55
CA CYS A 40 8.20 2.46 -3.66
C CYS A 40 8.06 3.13 -5.03
N ARG A 41 8.87 2.68 -5.96
CA ARG A 41 8.93 3.13 -7.36
C ARG A 41 8.04 2.18 -8.19
N THR A 42 6.86 2.66 -8.59
CA THR A 42 5.86 1.87 -9.39
C THR A 42 6.31 1.68 -10.83
N ASP A 43 7.22 2.52 -11.30
CA ASP A 43 7.71 2.53 -12.71
C ASP A 43 8.83 1.50 -12.93
N LEU A 44 9.31 0.81 -11.89
CA LEU A 44 10.32 -0.26 -12.06
C LEU A 44 9.66 -1.63 -11.90
N ASP A 45 10.30 -2.63 -12.51
CA ASP A 45 9.96 -4.06 -12.43
C ASP A 45 11.25 -4.84 -12.16
N PRO A 46 11.38 -5.55 -11.03
CA PRO A 46 10.35 -5.51 -9.99
C PRO A 46 10.19 -4.11 -9.40
N VAL A 47 9.02 -3.82 -8.83
CA VAL A 47 8.81 -2.64 -7.95
C VAL A 47 9.77 -2.77 -6.76
N VAL A 48 10.48 -1.70 -6.39
CA VAL A 48 11.41 -1.66 -5.22
C VAL A 48 10.79 -0.80 -4.09
N GLU A 49 10.94 -1.28 -2.84
CA GLU A 49 10.34 -0.76 -1.57
C GLU A 49 11.47 -0.21 -0.68
N ILE A 50 11.36 1.03 -0.20
CA ILE A 50 12.45 1.68 0.59
C ILE A 50 11.82 2.31 1.83
N PRO A 51 11.96 1.71 3.04
CA PRO A 51 11.51 2.37 4.25
C PRO A 51 12.18 3.75 4.41
N ALA A 52 11.39 4.72 4.87
CA ALA A 52 11.81 6.13 5.07
C ALA A 52 12.62 6.19 6.37
N ARG A 53 13.84 5.67 6.34
CA ARG A 53 14.71 5.48 7.52
C ARG A 53 16.10 6.06 7.25
N ALA A 54 16.75 6.55 8.30
CA ALA A 54 18.10 7.16 8.25
C ALA A 54 19.08 6.26 7.49
N GLU A 55 19.00 4.96 7.71
CA GLU A 55 19.95 3.97 7.10
C GLU A 55 19.79 3.91 5.57
N ASN A 56 18.70 4.39 4.98
CA ASN A 56 18.43 4.28 3.52
C ASN A 56 18.69 5.59 2.80
N VAL A 57 19.26 6.59 3.49
CA VAL A 57 19.60 7.92 2.91
C VAL A 57 20.92 7.76 2.16
N GLY A 58 20.97 8.09 0.88
CA GLY A 58 22.15 7.85 0.02
C GLY A 58 22.84 9.13 -0.42
N GLU A 59 22.09 10.21 -0.63
CA GLU A 59 22.60 11.54 -1.07
C GLU A 59 21.87 12.62 -0.25
N THR A 60 22.55 13.74 0.02
CA THR A 60 21.98 14.84 0.84
C THR A 60 22.35 16.21 0.24
N THR A 61 22.60 16.25 -1.06
CA THR A 61 22.90 17.49 -1.84
C THR A 61 21.58 18.14 -2.24
N MET A 62 21.23 19.24 -1.58
CA MET A 62 20.07 20.10 -1.90
C MET A 62 18.77 19.43 -1.43
N SER A 63 18.77 18.13 -1.19
CA SER A 63 17.57 17.38 -0.76
C SER A 63 17.98 16.06 -0.09
N THR A 64 17.05 15.39 0.57
CA THR A 64 17.31 14.06 1.13
C THR A 64 16.85 13.06 0.08
N THR A 65 17.74 12.16 -0.30
CA THR A 65 17.45 11.06 -1.27
C THR A 65 17.48 9.72 -0.54
N LEU A 66 16.43 8.91 -0.69
CA LEU A 66 16.44 7.49 -0.26
C LEU A 66 17.05 6.66 -1.40
N VAL A 67 17.88 5.68 -1.05
N VAL A 67 17.91 5.69 -1.06
CA VAL A 67 18.58 4.80 -2.03
CA VAL A 67 18.58 4.81 -2.07
C VAL A 67 18.47 3.37 -1.53
C VAL A 67 18.51 3.38 -1.55
N LYS A 68 18.16 2.44 -2.42
CA LYS A 68 18.31 0.97 -2.18
C LYS A 68 18.80 0.36 -3.48
N GLY A 69 20.03 -0.14 -3.46
CA GLY A 69 20.77 -0.56 -4.67
C GLY A 69 21.08 0.67 -5.49
N ASP A 70 20.69 0.65 -6.77
CA ASP A 70 20.78 1.84 -7.65
C ASP A 70 19.39 2.43 -7.89
N VAL A 71 18.37 2.09 -7.07
CA VAL A 71 17.03 2.77 -7.09
C VAL A 71 17.05 3.96 -6.13
N LYS A 72 16.63 5.14 -6.59
CA LYS A 72 16.61 6.37 -5.76
C LYS A 72 15.17 6.88 -5.65
N VAL A 73 14.88 7.53 -4.52
CA VAL A 73 13.68 8.39 -4.38
C VAL A 73 14.19 9.72 -3.83
N ASP A 74 14.16 10.75 -4.67
CA ASP A 74 14.73 12.07 -4.30
C ASP A 74 13.65 12.98 -3.68
N THR A 75 14.06 13.96 -2.90
CA THR A 75 13.22 15.06 -2.37
C THR A 75 12.10 14.47 -1.53
N VAL A 76 12.44 13.71 -0.50
CA VAL A 76 11.43 13.13 0.43
C VAL A 76 11.08 14.12 1.56
N GLU A 77 11.85 15.22 1.75
CA GLU A 77 11.84 16.03 3.00
C GLU A 77 10.49 16.73 3.24
N HIS A 78 9.85 17.27 2.21
CA HIS A 78 8.63 18.08 2.37
C HIS A 78 7.46 17.16 2.71
N LEU A 79 7.32 16.06 1.98
CA LEU A 79 6.24 15.07 2.24
C LEU A 79 6.44 14.47 3.64
N LEU A 80 7.66 14.05 4.00
CA LEU A 80 7.87 13.48 5.36
C LEU A 80 7.55 14.54 6.44
N SER A 81 7.80 15.83 6.17
CA SER A 81 7.46 16.92 7.12
C SER A 81 5.95 16.94 7.35
N ALA A 82 5.18 16.84 6.26
CA ALA A 82 3.69 16.78 6.32
C ALA A 82 3.22 15.59 7.16
N MET A 83 3.83 14.41 6.95
N MET A 83 3.78 14.40 6.88
CA MET A 83 3.41 13.17 7.64
CA MET A 83 3.47 13.15 7.63
C MET A 83 3.83 13.21 9.13
C MET A 83 3.75 13.38 9.12
N ALA A 84 4.98 13.81 9.44
CA ALA A 84 5.42 14.08 10.83
C ALA A 84 4.44 15.03 11.51
N GLY A 85 4.16 16.16 10.84
CA GLY A 85 3.30 17.24 11.36
C GLY A 85 1.92 16.71 11.73
N LEU A 86 1.37 15.79 10.94
CA LEU A 86 -0.01 15.25 11.16
C LEU A 86 0.02 13.96 12.01
N GLY A 87 1.19 13.44 12.33
CA GLY A 87 1.34 12.22 13.15
C GLY A 87 0.98 10.92 12.41
N ILE A 88 1.14 10.89 11.08
CA ILE A 88 1.02 9.63 10.27
C ILE A 88 2.18 8.72 10.61
N ASP A 89 1.89 7.50 11.08
CA ASP A 89 2.88 6.45 11.44
C ASP A 89 3.05 5.54 10.23
N ASN A 90 1.93 5.18 9.60
CA ASN A 90 1.87 4.02 8.68
C ASN A 90 1.31 4.52 7.34
N ALA A 91 2.06 4.36 6.27
CA ALA A 91 1.60 4.75 4.91
C ALA A 91 2.56 4.21 3.86
N TYR A 92 2.02 3.82 2.72
CA TYR A 92 2.81 3.54 1.51
C TYR A 92 2.78 4.82 0.66
N VAL A 93 3.95 5.24 0.23
CA VAL A 93 4.12 6.33 -0.77
C VAL A 93 4.60 5.67 -2.06
N GLU A 94 3.76 5.70 -3.10
CA GLU A 94 4.03 5.00 -4.39
C GLU A 94 4.29 6.06 -5.46
N LEU A 95 5.45 6.06 -6.10
CA LEU A 95 5.85 7.13 -7.08
C LEU A 95 6.12 6.50 -8.43
N SER A 96 5.78 7.20 -9.51
CA SER A 96 6.01 6.78 -10.93
C SER A 96 7.38 7.25 -11.43
N ALA A 97 8.14 7.99 -10.62
CA ALA A 97 9.46 8.54 -11.02
C ALA A 97 10.32 8.69 -9.77
N SER A 98 11.58 9.06 -9.95
CA SER A 98 12.66 9.03 -8.94
C SER A 98 12.54 10.23 -7.98
N GLU A 99 11.50 11.06 -8.10
CA GLU A 99 11.44 12.31 -7.29
C GLU A 99 10.01 12.59 -6.85
N VAL A 100 9.84 12.90 -5.57
CA VAL A 100 8.55 13.41 -5.02
C VAL A 100 8.23 14.72 -5.74
N PRO A 101 6.97 14.97 -6.12
CA PRO A 101 6.61 16.25 -6.74
C PRO A 101 6.77 17.40 -5.74
N ILE A 102 7.11 18.59 -6.25
CA ILE A 102 7.46 19.75 -5.39
C ILE A 102 6.18 20.46 -4.92
N MET A 103 5.09 20.31 -5.69
CA MET A 103 3.77 20.97 -5.47
C MET A 103 4.04 22.50 -5.44
N ASP A 104 3.75 23.20 -4.35
CA ASP A 104 3.95 24.67 -4.24
C ASP A 104 5.28 24.99 -3.53
N GLY A 105 6.12 23.97 -3.27
CA GLY A 105 7.43 24.16 -2.62
C GLY A 105 7.35 24.08 -1.10
N SER A 106 6.14 23.92 -0.55
CA SER A 106 5.89 23.78 0.90
C SER A 106 5.32 22.39 1.22
N ALA A 107 4.90 22.17 2.47
CA ALA A 107 4.20 20.94 2.92
C ALA A 107 2.68 21.16 2.84
N GLY A 108 2.21 22.39 2.57
CA GLY A 108 0.80 22.76 2.61
C GLY A 108 -0.08 21.80 1.80
N PRO A 109 0.19 21.65 0.48
CA PRO A 109 -0.57 20.76 -0.39
C PRO A 109 -0.63 19.30 0.09
N PHE A 110 0.47 18.79 0.65
CA PHE A 110 0.50 17.43 1.20
C PHE A 110 -0.39 17.35 2.44
N VAL A 111 -0.26 18.32 3.33
CA VAL A 111 -1.10 18.37 4.55
C VAL A 111 -2.58 18.34 4.14
N PHE A 112 -2.97 19.19 3.19
CA PHE A 112 -4.37 19.23 2.72
C PHE A 112 -4.76 17.88 2.10
N LEU A 113 -3.92 17.29 1.25
CA LEU A 113 -4.26 15.98 0.63
C LEU A 113 -4.51 14.94 1.72
N ILE A 114 -3.58 14.83 2.66
CA ILE A 114 -3.72 13.86 3.79
C ILE A 114 -5.02 14.17 4.54
N GLN A 115 -5.26 15.44 4.86
CA GLN A 115 -6.33 15.81 5.81
C GLN A 115 -7.70 15.66 5.11
N SER A 116 -7.71 15.75 3.78
CA SER A 116 -8.87 15.45 2.90
C SER A 116 -9.21 13.96 2.95
N ALA A 117 -8.22 13.09 2.66
CA ALA A 117 -8.33 11.61 2.70
C ALA A 117 -8.82 11.18 4.09
N GLY A 118 -8.47 11.93 5.12
CA GLY A 118 -8.81 11.69 6.54
C GLY A 118 -7.78 10.81 7.21
N LEU A 119 -7.60 11.01 8.51
CA LEU A 119 -6.71 10.18 9.35
C LEU A 119 -7.54 9.05 9.97
N GLN A 120 -6.94 7.88 10.10
CA GLN A 120 -7.54 6.71 10.81
C GLN A 120 -6.63 6.31 11.99
N GLU A 121 -7.15 6.43 13.21
CA GLU A 121 -6.50 5.91 14.45
C GLU A 121 -6.54 4.38 14.44
N GLN A 122 -5.43 3.75 14.79
CA GLN A 122 -5.24 2.28 14.74
C GLN A 122 -5.05 1.77 16.16
N GLU A 123 -5.34 0.49 16.40
CA GLU A 123 -5.40 -0.13 17.73
C GLU A 123 -4.01 -0.61 18.14
N ALA A 124 -3.07 0.32 18.23
CA ALA A 124 -1.67 0.06 18.62
C ALA A 124 -1.11 1.38 19.10
N ALA A 125 -0.28 1.34 20.13
CA ALA A 125 0.34 2.54 20.72
C ALA A 125 1.35 3.12 19.71
N LYS A 126 1.24 4.42 19.48
CA LYS A 126 2.25 5.21 18.75
C LYS A 126 3.54 5.22 19.55
N LYS A 127 4.65 4.95 18.88
CA LYS A 127 5.99 4.90 19.52
C LYS A 127 6.67 6.25 19.34
N PHE A 128 7.32 6.72 20.40
CA PHE A 128 8.07 7.99 20.41
C PHE A 128 9.53 7.71 20.80
N ILE A 129 10.41 8.58 20.35
CA ILE A 129 11.84 8.48 20.74
C ILE A 129 12.14 9.68 21.62
N ARG A 130 12.44 9.43 22.89
CA ARG A 130 12.71 10.50 23.89
C ARG A 130 14.22 10.76 23.99
N ILE A 131 14.62 12.00 23.75
CA ILE A 131 16.03 12.45 23.83
C ILE A 131 16.32 12.58 25.34
N LYS A 132 17.17 11.71 25.87
CA LYS A 132 17.48 11.67 27.31
C LYS A 132 18.79 12.40 27.61
N ARG A 133 19.59 12.62 26.58
CA ARG A 133 20.87 13.34 26.73
C ARG A 133 21.15 14.18 25.49
N GLU A 134 21.98 15.20 25.65
CA GLU A 134 22.44 16.08 24.56
C GLU A 134 23.33 15.31 23.58
N VAL A 135 23.14 15.55 22.31
CA VAL A 135 23.93 14.93 21.20
C VAL A 135 24.11 16.01 20.13
N SER A 136 25.33 16.27 19.72
CA SER A 136 25.66 17.40 18.81
C SER A 136 26.57 16.91 17.68
N VAL A 137 26.45 17.53 16.51
CA VAL A 137 27.43 17.40 15.41
C VAL A 137 27.77 18.81 14.96
N GLU A 138 29.04 19.00 14.57
CA GLU A 138 29.54 20.26 13.97
C GLU A 138 30.33 19.96 12.68
N GLU A 139 30.26 20.89 11.75
CA GLU A 139 31.15 21.04 10.57
C GLU A 139 31.46 22.52 10.41
N GLY A 140 32.68 22.93 10.72
CA GLY A 140 33.08 24.34 10.81
C GLY A 140 32.12 25.13 11.68
N ASP A 141 31.44 26.13 11.12
CA ASP A 141 30.51 27.01 11.90
C ASP A 141 29.09 26.44 11.89
N LYS A 142 28.84 25.32 11.20
CA LYS A 142 27.52 24.66 11.15
C LYS A 142 27.34 23.80 12.39
N ARG A 143 26.14 23.81 12.96
CA ARG A 143 25.84 23.01 14.15
C ARG A 143 24.43 22.43 14.07
N ALA A 144 24.27 21.20 14.53
CA ALA A 144 22.96 20.53 14.75
C ALA A 144 23.01 19.80 16.10
N VAL A 145 21.98 19.95 16.92
CA VAL A 145 21.98 19.39 18.30
C VAL A 145 20.59 18.87 18.62
N PHE A 146 20.55 17.76 19.34
CA PHE A 146 19.34 17.28 20.02
C PHE A 146 19.58 17.58 21.51
N VAL A 147 18.63 18.22 22.17
CA VAL A 147 18.71 18.41 23.64
C VAL A 147 17.39 17.91 24.25
N PRO A 148 17.40 17.37 25.48
CA PRO A 148 16.16 16.89 26.11
C PRO A 148 15.19 18.07 26.29
N PHE A 149 13.92 17.76 26.09
CA PHE A 149 12.80 18.73 26.14
C PHE A 149 11.52 17.91 26.20
N ASP A 150 10.66 18.24 27.15
CA ASP A 150 9.43 17.44 27.38
C ASP A 150 8.36 17.98 26.43
N GLY A 151 8.46 17.59 25.18
CA GLY A 151 7.59 18.08 24.10
C GLY A 151 8.33 17.97 22.81
N PHE A 152 7.99 18.81 21.83
CA PHE A 152 8.74 18.85 20.56
C PHE A 152 8.96 20.31 20.23
N LYS A 153 10.22 20.69 20.07
CA LYS A 153 10.60 22.08 19.77
C LYS A 153 11.68 22.09 18.71
N VAL A 154 11.60 23.03 17.77
CA VAL A 154 12.70 23.28 16.81
C VAL A 154 13.13 24.74 16.94
N SER A 155 14.44 24.95 17.14
CA SER A 155 15.11 26.28 17.07
C SER A 155 16.04 26.26 15.86
N PHE A 156 15.95 27.27 15.00
CA PHE A 156 16.75 27.29 13.76
C PHE A 156 17.23 28.70 13.48
N GLU A 157 18.50 28.83 13.09
CA GLU A 157 19.08 30.08 12.63
C GLU A 157 19.74 29.84 11.27
N ILE A 158 19.37 30.66 10.28
CA ILE A 158 20.10 30.72 8.99
C ILE A 158 20.96 31.99 9.02
N ASP A 159 22.06 31.93 8.30
CA ASP A 159 23.09 32.99 8.31
C ASP A 159 23.52 33.13 6.86
N PHE A 160 22.87 34.06 6.15
CA PHE A 160 23.18 34.35 4.73
C PHE A 160 24.56 35.02 4.68
N ASP A 161 25.21 35.01 3.52
CA ASP A 161 26.53 35.62 3.31
C ASP A 161 26.39 37.11 2.97
N HIS A 162 25.18 37.60 2.77
CA HIS A 162 24.89 39.05 2.60
C HIS A 162 23.56 39.36 3.27
N PRO A 163 23.32 40.64 3.65
CA PRO A 163 22.03 41.04 4.19
C PRO A 163 20.83 40.84 3.24
N VAL A 164 19.76 40.29 3.79
CA VAL A 164 18.47 40.05 3.12
C VAL A 164 17.47 40.70 4.07
N PHE A 165 16.79 41.75 3.64
CA PHE A 165 15.92 42.56 4.52
C PHE A 165 16.76 43.13 5.68
N ARG A 166 17.99 43.58 5.41
CA ARG A 166 18.93 44.32 6.30
C ARG A 166 19.71 43.48 7.33
N GLY A 167 19.53 42.17 7.34
CA GLY A 167 20.26 41.32 8.30
C GLY A 167 20.79 40.06 7.63
N ARG A 168 21.93 39.56 8.06
CA ARG A 168 22.49 38.29 7.51
C ARG A 168 21.74 37.10 8.13
N THR A 169 21.20 37.20 9.34
CA THR A 169 20.63 36.06 10.12
C THR A 169 19.09 36.13 10.25
N GLN A 170 18.47 34.97 10.33
CA GLN A 170 17.01 34.81 10.55
C GLN A 170 16.88 33.61 11.47
N GLN A 171 16.14 33.78 12.56
CA GLN A 171 16.01 32.82 13.66
C GLN A 171 14.51 32.64 13.93
N ALA A 172 14.10 31.40 14.22
CA ALA A 172 12.76 31.08 14.75
C ALA A 172 12.85 29.87 15.68
N SER A 173 12.08 29.96 16.76
CA SER A 173 11.88 28.90 17.77
C SER A 173 10.40 28.56 17.72
N VAL A 174 10.04 27.32 17.38
CA VAL A 174 8.64 26.85 17.45
C VAL A 174 8.55 25.71 18.47
N ASP A 175 7.81 25.93 19.54
CA ASP A 175 7.43 24.90 20.54
C ASP A 175 6.09 24.37 20.03
N PHE A 176 6.04 23.14 19.55
CA PHE A 176 4.84 22.60 18.87
C PHE A 176 3.75 22.21 19.88
N SER A 177 2.59 22.85 19.77
CA SER A 177 1.26 22.34 20.19
C SER A 177 0.72 21.47 19.05
N SER A 178 -0.50 20.96 19.19
CA SER A 178 -1.13 20.12 18.14
C SER A 178 -1.30 20.91 16.82
N THR A 179 -1.45 22.23 16.88
CA THR A 179 -1.76 23.06 15.68
C THR A 179 -0.55 23.82 15.13
N SER A 180 0.55 23.87 15.86
CA SER A 180 1.71 24.69 15.46
C SER A 180 2.17 24.38 14.04
N PHE A 181 2.30 23.11 13.69
CA PHE A 181 2.84 22.70 12.37
C PHE A 181 1.98 23.27 11.24
N VAL A 182 0.67 23.02 11.30
CA VAL A 182 -0.26 23.43 10.21
C VAL A 182 -0.26 24.96 10.13
N LYS A 183 -0.32 25.65 11.26
CA LYS A 183 -0.47 27.12 11.25
C LYS A 183 0.84 27.80 10.84
N GLU A 184 1.96 27.44 11.46
N GLU A 184 1.95 27.44 11.51
CA GLU A 184 3.16 28.33 11.53
CA GLU A 184 3.19 28.26 11.62
C GLU A 184 4.30 27.79 10.67
C GLU A 184 4.27 27.80 10.64
N VAL A 185 4.22 26.56 10.15
CA VAL A 185 5.35 25.94 9.40
C VAL A 185 4.90 25.42 8.03
N SER A 186 3.76 24.75 7.91
CA SER A 186 3.49 23.86 6.75
C SER A 186 3.51 24.63 5.42
N ARG A 187 3.08 25.91 5.40
CA ARG A 187 2.96 26.76 4.19
C ARG A 187 4.31 27.40 3.80
N ALA A 188 5.39 27.23 4.56
CA ALA A 188 6.72 27.84 4.23
C ALA A 188 7.32 27.22 2.96
N ARG A 189 7.45 28.01 1.90
CA ARG A 189 8.01 27.53 0.62
C ARG A 189 9.54 27.47 0.62
N THR A 190 10.07 26.59 -0.18
CA THR A 190 11.51 26.58 -0.48
C THR A 190 11.88 27.90 -1.20
N PHE A 191 13.16 28.21 -1.25
CA PHE A 191 13.64 29.51 -1.73
C PHE A 191 15.03 29.33 -2.34
N GLY A 192 15.40 30.26 -3.20
CA GLY A 192 16.78 30.40 -3.66
C GLY A 192 17.07 31.80 -4.11
N PHE A 193 18.34 32.14 -4.20
CA PHE A 193 18.78 33.45 -4.74
C PHE A 193 18.95 33.29 -6.25
N MET A 194 18.61 34.33 -7.00
N MET A 194 18.60 34.33 -7.00
CA MET A 194 18.52 34.32 -8.48
CA MET A 194 18.53 34.30 -8.49
C MET A 194 19.84 33.82 -9.09
C MET A 194 19.85 33.78 -9.07
N ARG A 195 21.00 34.25 -8.55
CA ARG A 195 22.33 33.86 -9.06
C ARG A 195 22.58 32.37 -8.80
N ASP A 196 22.25 31.86 -7.61
CA ASP A 196 22.31 30.40 -7.33
C ASP A 196 21.41 29.66 -8.34
N ILE A 197 20.17 30.09 -8.52
CA ILE A 197 19.18 29.36 -9.35
C ILE A 197 19.68 29.32 -10.81
N GLU A 198 20.18 30.44 -11.31
CA GLU A 198 20.65 30.52 -12.73
C GLU A 198 21.84 29.55 -12.88
N TYR A 199 22.72 29.47 -11.88
CA TYR A 199 23.85 28.51 -11.93
C TYR A 199 23.30 27.08 -11.96
N LEU A 200 22.39 26.76 -11.05
CA LEU A 200 21.80 25.40 -10.96
C LEU A 200 21.16 25.03 -12.30
N ARG A 201 20.38 25.95 -12.88
CA ARG A 201 19.68 25.74 -14.17
C ARG A 201 20.69 25.41 -15.27
N SER A 202 21.81 26.15 -15.33
CA SER A 202 22.94 25.97 -16.27
C SER A 202 23.57 24.57 -16.15
N GLN A 203 23.59 23.98 -14.94
CA GLN A 203 24.14 22.62 -14.69
C GLN A 203 23.05 21.57 -14.94
N ASN A 204 21.88 21.98 -15.44
CA ASN A 204 20.75 21.05 -15.75
C ASN A 204 20.14 20.53 -14.44
N LEU A 205 20.26 21.31 -13.38
CA LEU A 205 19.64 21.03 -12.06
C LEU A 205 18.40 21.95 -11.94
N ALA A 206 17.52 21.68 -11.00
CA ALA A 206 16.30 22.51 -10.76
C ALA A 206 15.45 22.67 -12.03
N LEU A 207 15.30 21.61 -12.81
CA LEU A 207 14.59 21.67 -14.12
C LEU A 207 13.08 21.88 -13.90
N GLY A 208 12.51 21.54 -12.73
CA GLY A 208 11.09 21.80 -12.45
C GLY A 208 10.85 23.04 -11.61
N GLY A 209 11.87 23.86 -11.37
CA GLY A 209 11.73 25.11 -10.61
C GLY A 209 10.87 26.13 -11.34
N SER A 210 10.07 26.89 -10.58
N SER A 210 10.13 26.94 -10.57
CA SER A 210 9.30 28.05 -11.08
CA SER A 210 9.20 27.98 -11.05
C SER A 210 8.94 28.95 -9.89
C SER A 210 8.86 28.91 -9.90
N VAL A 211 8.50 30.17 -10.18
CA VAL A 211 7.95 31.11 -9.17
C VAL A 211 6.72 30.46 -8.50
N GLU A 212 6.07 29.49 -9.16
CA GLU A 212 4.87 28.80 -8.62
C GLU A 212 5.28 27.75 -7.58
N ASN A 213 6.56 27.36 -7.47
CA ASN A 213 6.94 26.35 -6.45
C ASN A 213 8.16 26.76 -5.61
N ALA A 214 8.65 28.01 -5.72
CA ALA A 214 9.88 28.48 -5.04
C ALA A 214 9.81 29.99 -4.89
N ILE A 215 10.22 30.48 -3.73
CA ILE A 215 10.46 31.94 -3.55
C ILE A 215 11.79 32.25 -4.26
N VAL A 216 11.80 33.25 -5.13
CA VAL A 216 13.05 33.68 -5.82
C VAL A 216 13.43 35.02 -5.23
N VAL A 217 14.65 35.08 -4.71
CA VAL A 217 15.21 36.32 -4.11
C VAL A 217 16.28 36.89 -5.05
N ASP A 218 15.95 38.00 -5.68
CA ASP A 218 16.87 38.71 -6.60
C ASP A 218 17.70 39.63 -5.73
N GLU A 219 18.81 39.07 -5.24
CA GLU A 219 19.82 39.67 -4.32
C GLU A 219 19.26 39.86 -2.92
N ASN A 220 18.34 40.80 -2.72
CA ASN A 220 17.85 41.06 -1.35
C ASN A 220 16.35 41.33 -1.32
N ARG A 221 15.66 41.14 -2.43
CA ARG A 221 14.19 41.37 -2.47
C ARG A 221 13.51 40.19 -3.17
N VAL A 222 12.30 39.89 -2.75
CA VAL A 222 11.51 38.74 -3.27
C VAL A 222 10.90 39.15 -4.61
N LEU A 223 11.06 38.30 -5.63
CA LEU A 223 10.56 38.55 -7.00
C LEU A 223 9.09 38.15 -7.11
N ASN A 224 8.66 37.10 -6.39
CA ASN A 224 7.29 36.52 -6.46
C ASN A 224 6.24 37.62 -6.29
N GLU A 225 5.30 37.69 -7.22
CA GLU A 225 4.29 38.79 -7.33
C GLU A 225 3.61 38.97 -5.96
N ASP A 226 3.13 37.90 -5.32
CA ASP A 226 2.30 38.03 -4.09
C ASP A 226 3.17 38.03 -2.82
N GLY A 227 4.51 37.94 -2.91
CA GLY A 227 5.40 38.14 -1.75
C GLY A 227 5.47 36.89 -0.88
N LEU A 228 5.64 37.07 0.44
CA LEU A 228 5.88 35.98 1.43
C LEU A 228 4.60 35.59 2.18
N ARG A 229 4.54 34.36 2.64
CA ARG A 229 3.40 33.84 3.42
C ARG A 229 3.62 34.08 4.92
N TYR A 230 4.87 34.22 5.33
CA TYR A 230 5.27 34.46 6.73
C TYR A 230 6.42 35.46 6.69
N GLU A 231 6.55 36.30 7.72
CA GLU A 231 7.65 37.31 7.81
C GLU A 231 9.00 36.60 7.63
N ASP A 232 9.25 35.51 8.35
CA ASP A 232 10.51 34.75 8.17
C ASP A 232 10.21 33.38 7.59
N GLU A 233 9.64 33.43 6.38
CA GLU A 233 9.31 32.21 5.64
C GLU A 233 10.57 31.37 5.43
N PHE A 234 11.73 32.00 5.20
CA PHE A 234 12.96 31.24 4.85
C PHE A 234 13.34 30.33 6.01
N VAL A 235 13.47 30.86 7.23
CA VAL A 235 13.89 30.00 8.37
C VAL A 235 12.78 28.99 8.67
N LYS A 236 11.50 29.38 8.53
CA LYS A 236 10.34 28.48 8.75
C LYS A 236 10.45 27.30 7.76
N HIS A 237 10.89 27.54 6.54
CA HIS A 237 11.10 26.46 5.54
C HIS A 237 12.25 25.53 6.00
N LYS A 238 13.31 26.08 6.58
CA LYS A 238 14.43 25.24 7.07
C LYS A 238 13.96 24.42 8.27
N ILE A 239 13.01 24.94 9.05
CA ILE A 239 12.37 24.18 10.16
C ILE A 239 11.57 23.04 9.53
N LEU A 240 10.83 23.33 8.45
CA LEU A 240 10.04 22.30 7.72
C LEU A 240 10.98 21.18 7.28
N ASP A 241 12.10 21.53 6.67
CA ASP A 241 13.12 20.57 6.15
C ASP A 241 13.61 19.69 7.31
N ALA A 242 13.91 20.28 8.48
CA ALA A 242 14.48 19.56 9.63
C ALA A 242 13.44 18.58 10.18
N ILE A 243 12.19 18.98 10.19
CA ILE A 243 11.07 18.11 10.64
C ILE A 243 11.02 16.89 9.70
N GLY A 244 11.12 17.06 8.38
CA GLY A 244 11.12 15.94 7.42
C GLY A 244 12.31 14.99 7.61
N ASP A 245 13.49 15.55 7.81
CA ASP A 245 14.71 14.75 8.08
C ASP A 245 14.57 14.01 9.42
N LEU A 246 14.12 14.68 10.48
CA LEU A 246 13.90 14.08 11.83
C LEU A 246 13.01 12.84 11.73
N TYR A 247 12.03 12.82 10.82
CA TYR A 247 11.05 11.71 10.78
C TYR A 247 11.69 10.45 10.21
N LEU A 248 12.88 10.55 9.62
CA LEU A 248 13.70 9.39 9.18
C LEU A 248 14.15 8.55 10.39
N LEU A 249 14.01 9.03 11.62
CA LEU A 249 14.20 8.16 12.81
C LEU A 249 13.09 7.08 12.85
N GLY A 250 11.99 7.28 12.12
CA GLY A 250 10.88 6.31 11.99
C GLY A 250 9.89 6.37 13.14
N ASN A 251 10.13 7.21 14.14
CA ASN A 251 9.22 7.46 15.27
C ASN A 251 9.33 8.93 15.63
N SER A 252 8.25 9.48 16.20
CA SER A 252 8.10 10.90 16.59
C SER A 252 9.03 11.20 17.77
N LEU A 253 9.66 12.36 17.73
CA LEU A 253 10.67 12.78 18.72
C LEU A 253 10.01 13.53 19.89
N ILE A 254 10.47 13.21 21.09
CA ILE A 254 10.25 14.03 22.31
C ILE A 254 11.59 14.65 22.65
N GLY A 255 11.74 15.95 22.35
CA GLY A 255 13.01 16.65 22.53
C GLY A 255 13.05 17.88 21.68
N GLU A 256 14.18 18.56 21.66
CA GLU A 256 14.39 19.81 20.90
C GLU A 256 15.54 19.62 19.92
N PHE A 257 15.31 20.09 18.69
CA PHE A 257 16.35 20.20 17.66
C PHE A 257 16.76 21.67 17.58
N ARG A 258 18.04 21.95 17.60
CA ARG A 258 18.57 23.32 17.37
C ARG A 258 19.58 23.24 16.22
N GLY A 259 19.35 24.03 15.16
CA GLY A 259 20.22 24.07 13.99
C GLY A 259 20.75 25.45 13.80
N PHE A 260 22.04 25.54 13.49
CA PHE A 260 22.69 26.76 13.00
C PHE A 260 23.33 26.43 11.66
N LYS A 261 22.75 26.96 10.58
CA LYS A 261 23.17 26.72 9.18
C LYS A 261 23.18 25.22 8.86
N SER A 262 22.23 24.44 9.41
CA SER A 262 22.18 22.96 9.31
C SER A 262 21.23 22.56 8.19
N GLY A 263 21.78 21.98 7.13
CA GLY A 263 21.02 21.49 5.97
C GLY A 263 20.83 19.99 6.05
N HIS A 264 20.38 19.39 4.96
CA HIS A 264 20.03 17.95 4.92
C HIS A 264 21.25 17.10 5.30
N ALA A 265 22.44 17.49 4.86
CA ALA A 265 23.64 16.65 5.12
C ALA A 265 23.95 16.64 6.63
N LEU A 266 24.04 17.81 7.29
CA LEU A 266 24.38 17.82 8.73
C LEU A 266 23.21 17.25 9.55
N ASN A 267 21.95 17.49 9.16
CA ASN A 267 20.75 16.91 9.81
C ASN A 267 20.85 15.40 9.77
N ASN A 268 21.25 14.85 8.63
CA ASN A 268 21.44 13.38 8.47
C ASN A 268 22.60 12.89 9.35
N GLN A 269 23.69 13.64 9.48
N GLN A 269 23.69 13.65 9.46
CA GLN A 269 24.83 13.27 10.36
CA GLN A 269 24.83 13.32 10.35
C GLN A 269 24.35 13.26 11.83
C GLN A 269 24.34 13.25 11.80
N LEU A 270 23.52 14.20 12.24
CA LEU A 270 22.99 14.24 13.63
C LEU A 270 22.13 12.98 13.89
N LEU A 271 21.30 12.61 12.92
CA LEU A 271 20.43 11.40 13.02
C LEU A 271 21.31 10.17 13.26
N ARG A 272 22.34 9.98 12.45
CA ARG A 272 23.25 8.82 12.56
C ARG A 272 23.99 8.83 13.90
N THR A 273 24.39 10.00 14.38
CA THR A 273 25.12 10.15 15.67
C THR A 273 24.15 9.81 16.80
N LEU A 274 22.89 10.27 16.74
CA LEU A 274 21.90 9.95 17.80
C LEU A 274 21.66 8.44 17.86
N ILE A 275 21.43 7.84 16.69
CA ILE A 275 21.11 6.39 16.58
C ILE A 275 22.26 5.58 17.19
N ALA A 276 23.51 5.96 16.93
CA ALA A 276 24.72 5.26 17.42
C ALA A 276 24.84 5.46 18.94
N ASP A 277 24.44 6.63 19.45
CA ASP A 277 24.46 6.98 20.88
C ASP A 277 23.16 6.48 21.56
N LYS A 278 23.08 5.18 21.84
CA LYS A 278 21.84 4.54 22.34
C LYS A 278 21.54 5.02 23.77
N ASP A 279 22.52 5.46 24.57
CA ASP A 279 22.21 5.96 25.95
C ASP A 279 21.53 7.35 25.87
N ALA A 280 21.49 8.02 24.70
CA ALA A 280 20.92 9.39 24.57
C ALA A 280 19.43 9.30 24.22
N TRP A 281 18.89 8.10 23.97
CA TRP A 281 17.45 7.96 23.58
C TRP A 281 16.86 6.62 23.99
N GLU A 282 15.53 6.60 24.04
CA GLU A 282 14.70 5.45 24.46
C GLU A 282 13.36 5.56 23.73
N VAL A 283 12.81 4.44 23.27
CA VAL A 283 11.45 4.35 22.66
C VAL A 283 10.46 4.29 23.81
N VAL A 284 9.35 5.00 23.70
CA VAL A 284 8.36 5.12 24.79
C VAL A 284 6.99 5.17 24.14
N THR A 285 5.96 4.73 24.85
CA THR A 285 4.55 4.90 24.41
C THR A 285 3.79 5.57 25.55
N PHE A 286 2.60 6.13 25.28
CA PHE A 286 1.75 6.79 26.29
C PHE A 286 0.38 6.12 26.29
N GLU A 287 0.15 5.22 27.24
CA GLU A 287 -1.16 4.54 27.43
C GLU A 287 -2.20 5.55 27.93
N ASP A 288 -1.75 6.68 28.46
CA ASP A 288 -2.63 7.81 28.86
C ASP A 288 -2.22 9.05 28.07
N ALA A 289 -3.04 9.43 27.07
CA ALA A 289 -2.80 10.58 26.18
C ALA A 289 -2.80 11.85 27.03
N ARG A 290 -3.59 11.89 28.11
CA ARG A 290 -3.74 13.11 28.95
C ARG A 290 -2.43 13.46 29.68
N THR A 291 -1.52 12.50 29.93
CA THR A 291 -0.25 12.75 30.67
C THR A 291 0.92 12.87 29.70
N ALA A 292 0.70 12.66 28.40
CA ALA A 292 1.75 12.69 27.36
C ALA A 292 2.27 14.11 27.17
N PRO A 293 3.57 14.26 26.86
CA PRO A 293 4.15 15.58 26.59
C PRO A 293 3.77 16.20 25.21
N ILE A 294 3.29 15.39 24.29
CA ILE A 294 2.90 15.77 22.90
C ILE A 294 1.41 15.49 22.77
N SER A 295 0.67 16.30 22.02
CA SER A 295 -0.73 15.98 21.61
C SER A 295 -0.89 16.30 20.13
N TYR A 296 -1.63 15.46 19.44
CA TYR A 296 -1.96 15.63 18.01
C TYR A 296 -3.37 16.20 17.95
N MET A 297 -3.68 16.81 16.81
CA MET A 297 -5.04 17.25 16.45
C MET A 297 -5.98 16.06 16.42
N ARG A 298 -7.26 16.27 16.73
CA ARG A 298 -8.27 15.20 16.57
C ARG A 298 -8.13 14.64 15.16
N PRO A 299 -8.39 13.34 14.96
CA PRO A 299 -8.26 12.72 13.64
C PRO A 299 -9.34 13.20 12.65
N MET B 1 -13.08 -12.91 19.86
CA MET B 1 -13.40 -12.22 18.60
C MET B 1 -12.73 -12.98 17.47
N ILE B 2 -13.44 -13.24 16.38
CA ILE B 2 -12.68 -13.71 15.19
C ILE B 2 -12.18 -12.39 14.58
N LYS B 3 -10.88 -12.25 14.41
CA LYS B 3 -10.28 -10.98 13.95
C LYS B 3 -9.98 -10.94 12.44
N GLN B 4 -9.91 -9.74 11.87
CA GLN B 4 -9.43 -9.56 10.49
C GLN B 4 -7.96 -9.98 10.40
N ARG B 5 -7.57 -10.37 9.20
CA ARG B 5 -6.15 -10.70 8.91
C ARG B 5 -5.69 -9.92 7.70
N THR B 6 -4.40 -9.57 7.72
CA THR B 6 -3.62 -9.09 6.57
C THR B 6 -2.30 -9.88 6.56
N LEU B 7 -1.39 -9.56 5.63
CA LEU B 7 -0.02 -10.09 5.60
C LEU B 7 0.84 -9.35 6.62
N LYS B 8 1.86 -10.04 7.13
CA LYS B 8 2.87 -9.44 8.04
C LYS B 8 3.89 -8.62 7.25
N ASN B 9 4.23 -9.06 6.05
CA ASN B 9 5.33 -8.47 5.24
C ASN B 9 4.83 -8.32 3.81
N ILE B 10 5.44 -7.39 3.06
CA ILE B 10 5.30 -7.30 1.58
C ILE B 10 5.96 -8.55 1.00
N ILE B 11 5.36 -9.22 0.02
CA ILE B 11 6.10 -10.25 -0.77
C ILE B 11 5.87 -10.08 -2.27
N ARG B 12 6.80 -10.59 -3.07
CA ARG B 12 6.83 -10.41 -4.55
C ARG B 12 6.94 -11.76 -5.23
N ALA B 13 6.39 -11.85 -6.42
CA ALA B 13 6.39 -13.06 -7.28
C ALA B 13 6.41 -12.57 -8.72
N THR B 14 6.97 -13.36 -9.62
CA THR B 14 6.93 -13.10 -11.08
C THR B 14 6.35 -14.34 -11.76
N GLY B 15 5.73 -14.13 -12.90
CA GLY B 15 5.19 -15.24 -13.70
C GLY B 15 4.73 -14.69 -15.02
N VAL B 16 3.89 -15.47 -15.68
CA VAL B 16 3.38 -15.17 -17.04
C VAL B 16 1.85 -15.22 -16.95
N GLY B 17 1.18 -14.35 -17.69
CA GLY B 17 -0.28 -14.42 -17.84
C GLY B 17 -0.63 -15.61 -18.73
N LEU B 18 -1.48 -16.53 -18.26
CA LEU B 18 -1.86 -17.70 -19.07
C LEU B 18 -2.54 -17.28 -20.38
N HIS B 19 -3.47 -16.32 -20.34
CA HIS B 19 -4.21 -15.84 -21.53
C HIS B 19 -3.30 -14.95 -22.40
N SER B 20 -2.58 -14.00 -21.79
CA SER B 20 -1.82 -12.90 -22.46
C SER B 20 -0.39 -13.32 -22.83
N GLY B 21 0.19 -14.28 -22.11
CA GLY B 21 1.59 -14.69 -22.32
C GLY B 21 2.59 -13.65 -21.84
N GLU B 22 2.11 -12.60 -21.15
CA GLU B 22 2.93 -11.43 -20.71
C GLU B 22 3.62 -11.74 -19.37
N LYS B 23 4.92 -11.48 -19.29
CA LYS B 23 5.66 -11.53 -18.01
C LYS B 23 5.03 -10.47 -17.09
N VAL B 24 4.81 -10.80 -15.83
CA VAL B 24 4.14 -9.86 -14.89
C VAL B 24 4.80 -9.97 -13.52
N TYR B 25 4.98 -8.80 -12.92
CA TYR B 25 5.50 -8.61 -11.54
C TYR B 25 4.29 -8.39 -10.64
N LEU B 26 4.19 -9.22 -9.60
CA LEU B 26 3.08 -9.25 -8.62
C LEU B 26 3.65 -8.89 -7.25
N THR B 27 3.02 -7.92 -6.56
CA THR B 27 3.35 -7.53 -5.18
C THR B 27 2.08 -7.68 -4.33
N LEU B 28 2.17 -8.37 -3.20
CA LEU B 28 1.11 -8.35 -2.17
C LEU B 28 1.65 -7.49 -1.03
N LYS B 29 0.85 -6.51 -0.60
CA LYS B 29 1.22 -5.61 0.52
C LYS B 29 0.17 -5.69 1.60
N PRO B 30 0.62 -5.74 2.87
CA PRO B 30 -0.28 -5.63 4.01
C PRO B 30 -1.19 -4.41 3.93
N ALA B 31 -2.40 -4.49 4.50
CA ALA B 31 -3.37 -3.40 4.45
C ALA B 31 -4.12 -3.28 5.77
N PRO B 32 -4.54 -2.06 6.14
CA PRO B 32 -5.19 -1.84 7.43
C PRO B 32 -6.60 -2.42 7.46
N VAL B 33 -7.20 -2.36 8.63
CA VAL B 33 -8.56 -2.91 8.90
C VAL B 33 -9.55 -2.33 7.87
N ASP B 34 -10.51 -3.15 7.42
CA ASP B 34 -11.67 -2.71 6.59
C ASP B 34 -11.18 -2.19 5.23
N THR B 35 -10.04 -2.67 4.72
CA THR B 35 -9.58 -2.30 3.37
C THR B 35 -10.25 -3.20 2.35
N GLY B 36 -10.39 -4.49 2.68
CA GLY B 36 -10.70 -5.50 1.66
C GLY B 36 -9.51 -5.82 0.79
N ILE B 37 -9.73 -6.57 -0.27
CA ILE B 37 -8.69 -6.92 -1.27
C ILE B 37 -8.82 -5.87 -2.38
N VAL B 38 -7.73 -5.16 -2.70
CA VAL B 38 -7.75 -4.04 -3.69
C VAL B 38 -6.62 -4.25 -4.67
N PHE B 39 -6.98 -4.37 -5.96
CA PHE B 39 -6.01 -4.62 -7.04
C PHE B 39 -5.64 -3.27 -7.60
N CYS B 40 -4.42 -3.12 -8.09
CA CYS B 40 -4.10 -1.99 -8.97
C CYS B 40 -2.95 -2.33 -9.90
N ARG B 41 -2.88 -1.54 -10.96
CA ARG B 41 -1.96 -1.69 -12.08
C ARG B 41 -0.86 -0.64 -11.88
N THR B 42 0.38 -1.08 -11.69
CA THR B 42 1.55 -0.22 -11.42
C THR B 42 2.08 0.29 -12.75
N ASP B 43 1.67 -0.30 -13.86
CA ASP B 43 2.23 0.04 -15.19
C ASP B 43 1.46 1.23 -15.80
N LEU B 44 0.39 1.69 -15.13
CA LEU B 44 -0.48 2.78 -15.63
C LEU B 44 -0.33 3.99 -14.71
N ASP B 45 -0.44 5.18 -15.30
CA ASP B 45 -0.41 6.51 -14.64
C ASP B 45 -1.64 7.30 -15.06
N PRO B 46 -2.50 7.78 -14.13
CA PRO B 46 -2.36 7.50 -12.70
C PRO B 46 -2.64 6.01 -12.45
N VAL B 47 -1.91 5.42 -11.49
CA VAL B 47 -2.22 4.05 -10.97
C VAL B 47 -3.74 4.03 -10.69
N VAL B 48 -4.43 2.94 -11.06
CA VAL B 48 -5.90 2.75 -10.90
C VAL B 48 -6.15 1.66 -9.84
N GLU B 49 -7.09 1.87 -8.91
CA GLU B 49 -7.45 0.94 -7.79
C GLU B 49 -8.80 0.27 -8.05
N ILE B 50 -8.83 -1.07 -8.11
CA ILE B 50 -10.09 -1.84 -8.33
C ILE B 50 -10.28 -2.76 -7.14
N PRO B 51 -11.20 -2.44 -6.21
CA PRO B 51 -11.62 -3.41 -5.20
C PRO B 51 -12.11 -4.73 -5.82
N ALA B 52 -11.70 -5.84 -5.21
CA ALA B 52 -12.07 -7.19 -5.63
C ALA B 52 -13.52 -7.45 -5.24
N ARG B 53 -14.48 -6.86 -5.98
CA ARG B 53 -15.92 -6.85 -5.61
C ARG B 53 -16.73 -7.20 -6.86
N ALA B 54 -17.82 -7.93 -6.66
CA ALA B 54 -18.77 -8.35 -7.73
C ALA B 54 -19.11 -7.14 -8.62
N GLU B 55 -19.33 -5.97 -8.04
CA GLU B 55 -19.72 -4.76 -8.83
C GLU B 55 -18.60 -4.33 -9.79
N ASN B 56 -17.35 -4.79 -9.59
CA ASN B 56 -16.20 -4.41 -10.47
C ASN B 56 -15.89 -5.52 -11.48
N VAL B 57 -16.68 -6.57 -11.57
CA VAL B 57 -16.43 -7.68 -12.54
C VAL B 57 -16.89 -7.22 -13.93
N GLY B 58 -16.02 -7.26 -14.92
CA GLY B 58 -16.29 -6.72 -16.27
C GLY B 58 -16.47 -7.82 -17.29
N GLU B 59 -15.64 -8.85 -17.23
CA GLU B 59 -15.67 -9.99 -18.18
C GLU B 59 -15.54 -11.31 -17.42
N THR B 60 -16.09 -12.39 -17.98
CA THR B 60 -16.12 -13.74 -17.35
C THR B 60 -15.96 -14.82 -18.42
N THR B 61 -15.18 -14.53 -19.46
CA THR B 61 -14.85 -15.45 -20.59
C THR B 61 -13.65 -16.29 -20.16
N MET B 62 -13.91 -17.46 -19.57
CA MET B 62 -12.89 -18.45 -19.11
C MET B 62 -12.20 -18.01 -17.82
N SER B 63 -12.13 -16.71 -17.54
N SER B 63 -12.11 -16.70 -17.53
CA SER B 63 -11.59 -16.16 -16.27
CA SER B 63 -11.51 -16.15 -16.28
C SER B 63 -12.47 -15.02 -15.79
C SER B 63 -12.25 -14.88 -15.85
N THR B 64 -12.27 -14.63 -14.55
CA THR B 64 -12.92 -13.43 -13.96
C THR B 64 -11.97 -12.24 -14.19
N THR B 65 -12.50 -11.16 -14.73
CA THR B 65 -11.75 -9.89 -15.00
C THR B 65 -12.40 -8.80 -14.15
N LEU B 66 -11.60 -8.06 -13.40
CA LEU B 66 -12.02 -6.79 -12.78
C LEU B 66 -11.79 -5.66 -13.78
N VAL B 67 -12.70 -4.69 -13.81
CA VAL B 67 -12.65 -3.52 -14.75
C VAL B 67 -13.06 -2.25 -14.00
N LYS B 68 -12.26 -1.20 -14.16
CA LYS B 68 -12.63 0.21 -13.86
C LYS B 68 -12.23 1.05 -15.08
N GLY B 69 -13.22 1.67 -15.74
CA GLY B 69 -13.06 2.31 -17.06
C GLY B 69 -12.55 1.32 -18.10
N ASP B 70 -11.46 1.64 -18.78
CA ASP B 70 -10.83 0.69 -19.75
C ASP B 70 -9.63 0.00 -19.10
N VAL B 71 -9.43 0.13 -17.77
CA VAL B 71 -8.36 -0.60 -17.02
C VAL B 71 -8.90 -1.96 -16.57
N LYS B 72 -8.20 -3.04 -16.89
CA LYS B 72 -8.62 -4.40 -16.46
C LYS B 72 -7.51 -5.14 -15.71
N VAL B 73 -7.93 -6.05 -14.84
CA VAL B 73 -7.07 -7.06 -14.19
C VAL B 73 -7.73 -8.40 -14.47
N ASP B 74 -7.07 -9.24 -15.26
CA ASP B 74 -7.58 -10.55 -15.73
C ASP B 74 -7.08 -11.65 -14.79
N THR B 75 -7.87 -12.71 -14.64
CA THR B 75 -7.50 -13.98 -14.00
C THR B 75 -7.28 -13.77 -12.51
N VAL B 76 -8.27 -13.23 -11.83
CA VAL B 76 -8.18 -12.89 -10.37
C VAL B 76 -8.52 -14.13 -9.56
N GLU B 77 -9.05 -15.19 -10.17
CA GLU B 77 -9.82 -16.22 -9.44
C GLU B 77 -8.89 -17.10 -8.58
N HIS B 78 -7.70 -17.50 -9.02
CA HIS B 78 -6.83 -18.44 -8.25
C HIS B 78 -6.21 -17.71 -7.06
N LEU B 79 -5.74 -16.49 -7.27
CA LEU B 79 -5.17 -15.64 -6.19
C LEU B 79 -6.26 -15.37 -5.14
N LEU B 80 -7.46 -14.98 -5.55
CA LEU B 80 -8.58 -14.74 -4.61
C LEU B 80 -8.95 -16.02 -3.87
N SER B 81 -8.92 -17.19 -4.54
CA SER B 81 -9.17 -18.47 -3.85
C SER B 81 -8.18 -18.62 -2.68
N ALA B 82 -6.90 -18.35 -2.91
CA ALA B 82 -5.85 -18.51 -1.87
C ALA B 82 -6.12 -17.56 -0.70
N MET B 83 -6.44 -16.29 -1.01
N MET B 83 -6.49 -16.31 -0.99
CA MET B 83 -6.83 -15.26 0.00
CA MET B 83 -6.77 -15.31 0.08
C MET B 83 -8.00 -15.78 0.83
C MET B 83 -8.04 -15.71 0.85
N ALA B 84 -9.06 -16.25 0.16
CA ALA B 84 -10.31 -16.72 0.82
C ALA B 84 -9.97 -17.94 1.69
N GLY B 85 -9.21 -18.87 1.13
CA GLY B 85 -8.74 -20.09 1.82
C GLY B 85 -8.04 -19.79 3.14
N LEU B 86 -7.18 -18.76 3.18
CA LEU B 86 -6.32 -18.44 4.36
C LEU B 86 -7.00 -17.37 5.23
N GLY B 87 -8.13 -16.81 4.80
CA GLY B 87 -8.87 -15.85 5.63
C GLY B 87 -8.27 -14.46 5.57
N ILE B 88 -7.60 -14.09 4.48
CA ILE B 88 -7.04 -12.71 4.31
C ILE B 88 -8.18 -11.75 3.96
N ASP B 89 -8.41 -10.77 4.84
CA ASP B 89 -9.46 -9.72 4.65
C ASP B 89 -8.88 -8.51 3.90
N ASN B 90 -7.67 -8.11 4.25
CA ASN B 90 -7.08 -6.80 3.86
C ASN B 90 -5.76 -7.06 3.17
N ALA B 91 -5.64 -6.61 1.92
CA ALA B 91 -4.38 -6.73 1.16
C ALA B 91 -4.46 -5.87 -0.11
N TYR B 92 -3.33 -5.26 -0.47
CA TYR B 92 -3.14 -4.61 -1.79
C TYR B 92 -2.52 -5.62 -2.74
N VAL B 93 -3.11 -5.80 -3.93
CA VAL B 93 -2.49 -6.64 -4.99
C VAL B 93 -2.03 -5.70 -6.11
N GLU B 94 -0.72 -5.54 -6.27
CA GLU B 94 -0.11 -4.60 -7.25
C GLU B 94 0.49 -5.43 -8.39
N LEU B 95 0.08 -5.14 -9.61
CA LEU B 95 0.49 -5.90 -10.82
C LEU B 95 1.11 -4.96 -11.85
N SER B 96 2.13 -5.43 -12.57
CA SER B 96 2.85 -4.65 -13.62
C SER B 96 2.19 -4.83 -14.99
N ALA B 97 1.13 -5.64 -15.09
CA ALA B 97 0.47 -5.99 -16.37
C ALA B 97 -0.98 -6.35 -16.10
N SER B 98 -1.73 -6.59 -17.15
CA SER B 98 -3.21 -6.73 -17.09
C SER B 98 -3.60 -8.08 -16.47
N GLU B 99 -2.69 -9.05 -16.30
CA GLU B 99 -3.09 -10.43 -15.93
C GLU B 99 -2.28 -10.89 -14.70
N VAL B 100 -2.98 -11.44 -13.71
CA VAL B 100 -2.34 -12.11 -12.55
C VAL B 100 -1.53 -13.27 -13.12
N PRO B 101 -0.28 -13.49 -12.70
CA PRO B 101 0.49 -14.62 -13.23
C PRO B 101 -0.20 -15.96 -12.88
N ILE B 102 -0.08 -16.96 -13.75
CA ILE B 102 -0.75 -18.29 -13.59
C ILE B 102 0.02 -19.22 -12.64
N MET B 103 1.32 -18.99 -12.45
CA MET B 103 2.18 -19.85 -11.58
C MET B 103 2.03 -21.30 -12.07
N ASP B 104 1.71 -22.28 -11.22
CA ASP B 104 1.52 -23.69 -11.68
C ASP B 104 0.05 -23.95 -12.07
N GLY B 105 -0.81 -22.95 -12.10
CA GLY B 105 -2.22 -23.13 -12.52
C GLY B 105 -3.10 -23.50 -11.36
N SER B 106 -2.53 -23.54 -10.16
CA SER B 106 -3.29 -23.76 -8.90
C SER B 106 -3.20 -22.52 -8.01
N ALA B 107 -3.73 -22.65 -6.79
CA ALA B 107 -3.61 -21.64 -5.72
C ALA B 107 -2.38 -21.96 -4.84
N GLY B 108 -1.71 -23.09 -5.07
CA GLY B 108 -0.66 -23.61 -4.19
C GLY B 108 0.44 -22.57 -3.97
N PRO B 109 1.04 -22.05 -5.06
CA PRO B 109 2.13 -21.07 -4.92
C PRO B 109 1.71 -19.76 -4.24
N PHE B 110 0.45 -19.34 -4.41
CA PHE B 110 -0.06 -18.10 -3.74
C PHE B 110 -0.24 -18.41 -2.26
N VAL B 111 -0.73 -19.60 -1.97
CA VAL B 111 -0.92 -20.02 -0.56
C VAL B 111 0.43 -19.98 0.15
N PHE B 112 1.46 -20.53 -0.49
CA PHE B 112 2.82 -20.57 0.08
C PHE B 112 3.41 -19.17 0.26
N LEU B 113 3.31 -18.33 -0.75
CA LEU B 113 3.78 -16.92 -0.72
C LEU B 113 3.13 -16.19 0.46
N ILE B 114 1.82 -16.36 0.67
CA ILE B 114 1.11 -15.65 1.77
C ILE B 114 1.60 -16.22 3.11
N GLN B 115 1.67 -17.54 3.21
CA GLN B 115 1.97 -18.20 4.50
C GLN B 115 3.46 -18.02 4.82
N SER B 116 4.26 -17.63 3.81
CA SER B 116 5.70 -17.26 3.93
C SER B 116 5.83 -15.85 4.49
N ALA B 117 5.18 -14.86 3.87
CA ALA B 117 5.09 -13.47 4.37
C ALA B 117 4.47 -13.46 5.76
N GLY B 118 3.78 -14.55 6.14
CA GLY B 118 3.07 -14.73 7.43
C GLY B 118 1.82 -13.88 7.58
N LEU B 119 0.88 -14.35 8.39
CA LEU B 119 -0.44 -13.74 8.65
C LEU B 119 -0.36 -12.85 9.89
N GLN B 120 -1.00 -11.68 9.84
CA GLN B 120 -1.12 -10.74 10.97
C GLN B 120 -2.61 -10.58 11.32
N GLU B 121 -2.98 -10.92 12.55
CA GLU B 121 -4.34 -10.69 13.10
C GLU B 121 -4.44 -9.21 13.45
N GLN B 122 -5.59 -8.58 13.19
CA GLN B 122 -5.77 -7.12 13.36
C GLN B 122 -6.90 -6.91 14.37
N GLU B 123 -6.89 -5.80 15.09
CA GLU B 123 -7.82 -5.55 16.23
C GLU B 123 -9.15 -5.01 15.70
N ALA B 124 -9.88 -5.84 14.96
CA ALA B 124 -11.19 -5.54 14.35
C ALA B 124 -11.85 -6.87 14.02
N ALA B 125 -13.14 -6.95 14.31
CA ALA B 125 -13.95 -8.16 14.12
C ALA B 125 -14.02 -8.45 12.61
N LYS B 126 -13.77 -9.69 12.24
CA LYS B 126 -13.98 -10.17 10.87
C LYS B 126 -15.49 -10.27 10.63
N LYS B 127 -15.95 -9.81 9.47
CA LYS B 127 -17.36 -9.78 9.03
C LYS B 127 -17.55 -11.00 8.13
N PHE B 128 -18.67 -11.69 8.30
CA PHE B 128 -19.08 -12.83 7.46
C PHE B 128 -20.43 -12.52 6.85
N ILE B 129 -20.70 -13.07 5.67
N ILE B 129 -20.67 -13.07 5.67
CA ILE B 129 -22.03 -13.03 5.02
CA ILE B 129 -22.01 -13.08 5.02
C ILE B 129 -22.69 -14.41 5.20
C ILE B 129 -22.66 -14.44 5.27
N ARG B 130 -23.75 -14.46 6.04
CA ARG B 130 -24.46 -15.71 6.40
C ARG B 130 -25.64 -15.84 5.45
N ILE B 131 -25.69 -16.94 4.70
CA ILE B 131 -26.82 -17.31 3.79
C ILE B 131 -28.00 -17.72 4.68
N LYS B 132 -29.09 -16.96 4.61
CA LYS B 132 -30.31 -17.15 5.44
C LYS B 132 -31.39 -17.85 4.64
N ARG B 133 -31.36 -17.70 3.32
CA ARG B 133 -32.35 -18.29 2.38
C ARG B 133 -31.61 -18.80 1.14
N GLU B 134 -32.22 -19.81 0.51
CA GLU B 134 -31.80 -20.37 -0.80
C GLU B 134 -31.94 -19.28 -1.86
N VAL B 135 -30.95 -19.17 -2.74
CA VAL B 135 -30.94 -18.32 -3.96
C VAL B 135 -30.30 -19.14 -5.06
N SER B 136 -30.87 -19.09 -6.26
CA SER B 136 -30.47 -19.95 -7.41
C SER B 136 -30.48 -19.11 -8.67
N VAL B 137 -29.58 -19.41 -9.60
CA VAL B 137 -29.62 -18.93 -11.01
C VAL B 137 -29.40 -20.13 -11.94
N GLU B 138 -30.00 -20.07 -13.12
CA GLU B 138 -29.90 -21.14 -14.13
C GLU B 138 -29.72 -20.47 -15.49
N GLU B 139 -29.05 -21.18 -16.40
CA GLU B 139 -28.76 -20.78 -17.80
C GLU B 139 -28.72 -22.11 -18.55
N GLY B 140 -29.83 -22.53 -19.16
CA GLY B 140 -30.01 -23.88 -19.74
C GLY B 140 -29.74 -24.98 -18.74
N ASP B 141 -28.73 -25.81 -18.99
CA ASP B 141 -28.35 -26.97 -18.12
C ASP B 141 -27.29 -26.55 -17.09
N LYS B 142 -26.91 -25.28 -17.02
CA LYS B 142 -26.02 -24.76 -15.96
C LYS B 142 -26.87 -24.20 -14.81
N ARG B 143 -26.41 -24.41 -13.58
CA ARG B 143 -27.07 -23.90 -12.36
C ARG B 143 -26.01 -23.58 -11.31
N ALA B 144 -26.33 -22.64 -10.44
CA ALA B 144 -25.49 -22.20 -9.31
C ALA B 144 -26.43 -21.82 -8.17
N VAL B 145 -26.15 -22.35 -6.97
CA VAL B 145 -27.10 -22.21 -5.84
C VAL B 145 -26.37 -21.87 -4.54
N PHE B 146 -26.97 -21.02 -3.72
CA PHE B 146 -26.53 -20.78 -2.34
C PHE B 146 -27.62 -21.34 -1.45
N VAL B 147 -27.23 -22.13 -0.47
CA VAL B 147 -28.22 -22.64 0.53
C VAL B 147 -27.63 -22.40 1.92
N PRO B 148 -28.47 -22.17 2.95
CA PRO B 148 -27.97 -22.02 4.31
C PRO B 148 -27.21 -23.27 4.76
N PHE B 149 -26.15 -23.06 5.51
CA PHE B 149 -25.28 -24.16 5.99
C PHE B 149 -24.45 -23.58 7.15
N ASP B 150 -24.42 -24.28 8.28
CA ASP B 150 -23.70 -23.80 9.48
C ASP B 150 -22.22 -24.16 9.34
N GLY B 151 -21.52 -23.39 8.50
CA GLY B 151 -20.10 -23.56 8.13
C GLY B 151 -19.89 -23.06 6.73
N PHE B 152 -18.94 -23.65 6.02
CA PHE B 152 -18.66 -23.32 4.60
C PHE B 152 -18.43 -24.62 3.85
N LYS B 153 -19.23 -24.84 2.81
CA LYS B 153 -19.19 -26.07 2.00
C LYS B 153 -19.39 -25.73 0.53
N VAL B 154 -18.66 -26.43 -0.32
CA VAL B 154 -18.77 -26.27 -1.78
C VAL B 154 -18.98 -27.65 -2.39
N SER B 155 -20.04 -27.78 -3.19
CA SER B 155 -20.32 -28.94 -4.07
C SER B 155 -20.22 -28.48 -5.53
N PHE B 156 -19.62 -29.29 -6.38
CA PHE B 156 -19.49 -28.95 -7.82
C PHE B 156 -19.71 -30.19 -8.68
N GLU B 157 -20.41 -30.00 -9.80
CA GLU B 157 -20.66 -31.05 -10.83
C GLU B 157 -20.11 -30.59 -12.16
N ILE B 158 -19.11 -31.30 -12.70
CA ILE B 158 -18.52 -30.98 -14.04
C ILE B 158 -19.19 -31.84 -15.11
N ASP B 159 -19.15 -31.34 -16.35
CA ASP B 159 -19.57 -32.12 -17.53
C ASP B 159 -18.56 -31.90 -18.66
N PHE B 160 -17.59 -32.81 -18.80
CA PHE B 160 -16.58 -32.70 -19.89
C PHE B 160 -17.07 -33.47 -21.11
N ASP B 161 -16.42 -33.28 -22.24
CA ASP B 161 -16.95 -33.89 -23.49
C ASP B 161 -16.09 -35.09 -23.94
N HIS B 162 -14.85 -35.16 -23.46
CA HIS B 162 -13.85 -36.20 -23.84
C HIS B 162 -13.43 -36.98 -22.59
N THR B 169 -19.64 -36.71 -16.80
CA THR B 169 -20.09 -35.91 -15.64
C THR B 169 -19.43 -36.46 -14.35
N GLN B 170 -19.31 -35.64 -13.31
CA GLN B 170 -18.65 -36.00 -12.01
C GLN B 170 -18.96 -34.94 -10.95
N GLN B 171 -19.24 -35.34 -9.70
CA GLN B 171 -19.66 -34.43 -8.61
C GLN B 171 -18.86 -34.70 -7.35
N ALA B 172 -18.36 -33.66 -6.70
CA ALA B 172 -17.58 -33.73 -5.44
C ALA B 172 -17.97 -32.56 -4.53
N SER B 173 -17.78 -32.75 -3.21
CA SER B 173 -18.11 -31.80 -2.11
C SER B 173 -16.94 -31.74 -1.14
N VAL B 174 -16.60 -30.53 -0.70
CA VAL B 174 -15.65 -30.30 0.42
C VAL B 174 -16.36 -29.48 1.51
N ASP B 175 -16.42 -30.05 2.71
CA ASP B 175 -16.95 -29.38 3.93
C ASP B 175 -15.71 -28.82 4.64
N PHE B 176 -15.51 -27.51 4.54
CA PHE B 176 -14.25 -26.83 4.91
C PHE B 176 -14.10 -26.74 6.43
N SER B 177 -13.06 -27.45 6.92
CA SER B 177 -12.45 -27.29 8.27
C SER B 177 -11.38 -26.20 8.17
N SER B 178 -10.57 -26.02 9.19
CA SER B 178 -9.52 -24.99 9.07
C SER B 178 -8.42 -25.44 8.08
N THR B 179 -8.27 -26.74 7.82
CA THR B 179 -7.11 -27.18 7.01
C THR B 179 -7.50 -27.79 5.67
N SER B 180 -8.79 -27.81 5.38
CA SER B 180 -9.30 -28.48 4.18
C SER B 180 -8.76 -27.81 2.93
N PHE B 181 -8.82 -26.49 2.88
CA PHE B 181 -8.44 -25.76 1.65
C PHE B 181 -7.00 -26.11 1.28
N VAL B 182 -6.08 -25.95 2.22
CA VAL B 182 -4.64 -26.09 1.93
C VAL B 182 -4.37 -27.54 1.46
N LYS B 183 -4.88 -28.52 2.19
CA LYS B 183 -4.61 -29.96 1.92
C LYS B 183 -5.37 -30.42 0.68
N GLU B 184 -6.67 -30.15 0.62
CA GLU B 184 -7.58 -30.89 -0.30
C GLU B 184 -7.88 -30.10 -1.58
N VAL B 185 -7.69 -28.78 -1.61
CA VAL B 185 -8.12 -27.95 -2.77
C VAL B 185 -6.97 -27.15 -3.39
N SER B 186 -6.08 -26.59 -2.58
CA SER B 186 -5.18 -25.49 -3.01
C SER B 186 -4.34 -25.89 -4.24
N ARG B 187 -3.96 -27.16 -4.33
CA ARG B 187 -2.97 -27.66 -5.33
C ARG B 187 -3.64 -27.99 -6.68
N ALA B 188 -4.97 -27.95 -6.74
CA ALA B 188 -5.73 -28.45 -7.91
C ALA B 188 -5.51 -27.47 -9.07
N ARG B 189 -4.91 -27.96 -10.16
CA ARG B 189 -4.50 -27.13 -11.31
C ARG B 189 -5.67 -26.94 -12.29
N THR B 190 -5.63 -25.82 -13.00
CA THR B 190 -6.45 -25.61 -14.20
C THR B 190 -6.12 -26.71 -15.22
N PHE B 191 -7.01 -26.87 -16.19
CA PHE B 191 -6.97 -27.99 -17.16
C PHE B 191 -7.63 -27.54 -18.46
N GLY B 192 -7.20 -28.14 -19.58
CA GLY B 192 -7.83 -27.96 -20.89
C GLY B 192 -7.67 -29.20 -21.75
N PHE B 193 -8.57 -29.34 -22.72
CA PHE B 193 -8.60 -30.49 -23.67
C PHE B 193 -7.83 -30.09 -24.93
N MET B 194 -7.04 -31.02 -25.49
CA MET B 194 -6.35 -30.84 -26.78
C MET B 194 -7.28 -30.11 -27.76
N ARG B 195 -8.48 -30.65 -28.03
CA ARG B 195 -9.53 -30.02 -28.88
C ARG B 195 -9.75 -28.56 -28.45
N ASP B 196 -10.24 -28.37 -27.23
CA ASP B 196 -10.60 -27.05 -26.63
C ASP B 196 -9.39 -26.10 -26.71
N ILE B 197 -8.20 -26.59 -26.33
CA ILE B 197 -6.91 -25.83 -26.18
C ILE B 197 -6.51 -25.18 -27.51
N GLU B 198 -6.64 -25.90 -28.62
CA GLU B 198 -6.07 -25.48 -29.93
C GLU B 198 -7.01 -24.46 -30.59
N TYR B 199 -8.30 -24.53 -30.26
CA TYR B 199 -9.32 -23.51 -30.61
C TYR B 199 -8.98 -22.20 -29.87
N LEU B 200 -8.55 -22.32 -28.61
CA LEU B 200 -8.21 -21.12 -27.79
C LEU B 200 -6.94 -20.47 -28.31
N ARG B 201 -6.00 -21.25 -28.85
CA ARG B 201 -4.72 -20.72 -29.40
C ARG B 201 -4.98 -19.87 -30.67
N SER B 202 -5.85 -20.31 -31.56
CA SER B 202 -6.16 -19.57 -32.81
C SER B 202 -6.97 -18.32 -32.47
N GLN B 203 -7.33 -18.15 -31.21
CA GLN B 203 -8.06 -16.94 -30.74
C GLN B 203 -7.14 -16.12 -29.80
N ASN B 204 -5.97 -16.66 -29.46
CA ASN B 204 -4.92 -16.02 -28.61
C ASN B 204 -5.47 -15.84 -27.17
N LEU B 205 -6.13 -16.87 -26.64
CA LEU B 205 -6.70 -16.88 -25.27
C LEU B 205 -5.85 -17.76 -24.34
N ALA B 206 -4.69 -18.26 -24.80
CA ALA B 206 -3.83 -19.19 -24.01
C ALA B 206 -2.34 -19.00 -24.35
N LEU B 207 -1.89 -17.76 -24.57
CA LEU B 207 -0.51 -17.47 -25.03
C LEU B 207 0.55 -17.86 -23.98
N GLY B 208 0.19 -18.03 -22.70
CA GLY B 208 1.12 -18.46 -21.63
C GLY B 208 0.93 -19.91 -21.20
N GLY B 209 -0.04 -20.61 -21.78
CA GLY B 209 -0.39 -21.99 -21.38
C GLY B 209 0.69 -22.97 -21.78
N SER B 210 0.92 -23.98 -20.93
CA SER B 210 1.80 -25.15 -21.17
C SER B 210 1.56 -26.16 -20.05
N VAL B 211 2.16 -27.34 -20.19
CA VAL B 211 2.09 -28.45 -19.19
C VAL B 211 2.64 -27.95 -17.84
N GLU B 212 3.41 -26.86 -17.83
CA GLU B 212 3.99 -26.23 -16.59
C GLU B 212 2.91 -25.54 -15.76
N ASN B 213 1.75 -25.18 -16.34
CA ASN B 213 0.75 -24.33 -15.66
C ASN B 213 -0.69 -24.81 -15.88
N ALA B 214 -0.88 -26.00 -16.45
CA ALA B 214 -2.21 -26.59 -16.73
C ALA B 214 -2.08 -28.09 -16.99
N ILE B 215 -3.07 -28.85 -16.54
CA ILE B 215 -3.27 -30.26 -16.99
C ILE B 215 -3.73 -30.20 -18.44
N VAL B 216 -2.99 -30.81 -19.37
CA VAL B 216 -3.41 -30.99 -20.79
C VAL B 216 -3.86 -32.45 -20.96
N VAL B 217 -5.10 -32.65 -21.42
CA VAL B 217 -5.72 -33.99 -21.59
C VAL B 217 -6.04 -34.18 -23.08
N ASP B 218 -5.83 -35.39 -23.61
CA ASP B 218 -6.09 -35.73 -25.03
C ASP B 218 -7.51 -36.31 -25.16
N GLU B 219 -7.70 -37.55 -24.69
CA GLU B 219 -9.02 -38.26 -24.71
C GLU B 219 -9.50 -38.34 -23.25
N ASN B 220 -9.26 -39.47 -22.56
CA ASN B 220 -9.16 -39.56 -21.09
C ASN B 220 -7.70 -39.91 -20.78
N ARG B 221 -6.77 -39.17 -21.37
CA ARG B 221 -5.29 -39.31 -21.23
C ARG B 221 -4.69 -37.95 -20.86
N VAL B 222 -4.22 -37.82 -19.62
CA VAL B 222 -3.48 -36.62 -19.11
C VAL B 222 -2.09 -36.63 -19.73
N LEU B 223 -1.73 -35.61 -20.50
CA LEU B 223 -0.39 -35.54 -21.15
C LEU B 223 0.70 -35.38 -20.09
N ASN B 224 0.51 -34.50 -19.10
CA ASN B 224 1.56 -34.10 -18.13
C ASN B 224 2.29 -35.35 -17.61
N GLU B 225 3.62 -35.29 -17.59
CA GLU B 225 4.51 -36.45 -17.29
C GLU B 225 4.23 -36.94 -15.86
N ASP B 226 3.91 -36.04 -14.92
CA ASP B 226 3.73 -36.42 -13.50
C ASP B 226 2.25 -36.57 -13.14
N GLY B 227 1.35 -36.65 -14.12
CA GLY B 227 -0.04 -37.08 -13.87
C GLY B 227 -0.77 -36.12 -12.94
N LEU B 228 -1.64 -36.63 -12.08
CA LEU B 228 -2.58 -35.78 -11.30
C LEU B 228 -2.10 -35.65 -9.85
N ARG B 229 -2.48 -34.56 -9.19
CA ARG B 229 -2.18 -34.28 -7.76
C ARG B 229 -3.29 -34.82 -6.88
N TYR B 230 -4.48 -35.02 -7.44
CA TYR B 230 -5.65 -35.61 -6.70
C TYR B 230 -6.41 -36.50 -7.68
N GLU B 231 -7.09 -37.54 -7.20
CA GLU B 231 -7.85 -38.47 -8.08
C GLU B 231 -8.92 -37.66 -8.80
N ASP B 232 -9.52 -36.70 -8.10
CA ASP B 232 -10.58 -35.80 -8.66
C ASP B 232 -10.04 -34.37 -8.79
N GLU B 233 -8.87 -34.16 -9.39
CA GLU B 233 -8.25 -32.82 -9.54
C GLU B 233 -9.15 -31.88 -10.35
N PHE B 234 -9.85 -32.36 -11.37
CA PHE B 234 -10.59 -31.47 -12.31
C PHE B 234 -11.72 -30.77 -11.54
N VAL B 235 -12.54 -31.55 -10.83
CA VAL B 235 -13.69 -31.02 -10.05
C VAL B 235 -13.15 -30.18 -8.88
N LYS B 236 -12.02 -30.57 -8.29
CA LYS B 236 -11.41 -29.79 -7.18
C LYS B 236 -10.92 -28.44 -7.71
N HIS B 237 -10.44 -28.34 -8.94
CA HIS B 237 -10.08 -27.04 -9.53
C HIS B 237 -11.32 -26.19 -9.73
N LYS B 238 -12.46 -26.77 -10.12
CA LYS B 238 -13.72 -26.00 -10.27
C LYS B 238 -14.19 -25.49 -8.91
N ILE B 239 -13.94 -26.24 -7.84
CA ILE B 239 -14.27 -25.81 -6.45
C ILE B 239 -13.35 -24.64 -6.08
N LEU B 240 -12.06 -24.76 -6.37
CA LEU B 240 -11.05 -23.66 -6.19
C LEU B 240 -11.55 -22.40 -6.89
N ASP B 241 -12.00 -22.52 -8.15
CA ASP B 241 -12.48 -21.35 -8.95
C ASP B 241 -13.71 -20.77 -8.29
N ALA B 242 -14.66 -21.59 -7.87
CA ALA B 242 -15.88 -21.11 -7.19
C ALA B 242 -15.48 -20.30 -5.93
N ILE B 243 -14.47 -20.76 -5.18
CA ILE B 243 -14.04 -20.13 -3.90
C ILE B 243 -13.47 -18.74 -4.22
N GLY B 244 -12.69 -18.62 -5.29
CA GLY B 244 -12.16 -17.31 -5.74
C GLY B 244 -13.28 -16.38 -6.19
N ASP B 245 -14.27 -16.89 -6.91
CA ASP B 245 -15.43 -16.05 -7.35
C ASP B 245 -16.25 -15.60 -6.14
N LEU B 246 -16.52 -16.49 -5.19
CA LEU B 246 -17.37 -16.21 -4.01
C LEU B 246 -16.73 -15.07 -3.19
N TYR B 247 -15.41 -14.93 -3.22
CA TYR B 247 -14.70 -13.94 -2.36
C TYR B 247 -14.90 -12.53 -2.88
N LEU B 248 -15.39 -12.38 -4.13
CA LEU B 248 -15.84 -11.09 -4.68
C LEU B 248 -17.06 -10.56 -3.91
N LEU B 249 -17.69 -11.35 -3.04
CA LEU B 249 -18.69 -10.78 -2.09
C LEU B 249 -18.00 -9.80 -1.14
N GLY B 250 -16.68 -9.94 -0.91
CA GLY B 250 -15.88 -9.01 -0.09
C GLY B 250 -15.78 -9.44 1.37
N ASN B 251 -16.56 -10.44 1.79
CA ASN B 251 -16.48 -11.09 3.12
C ASN B 251 -16.71 -12.59 2.97
N SER B 252 -16.14 -13.34 3.90
CA SER B 252 -16.23 -14.82 4.00
C SER B 252 -17.69 -15.22 4.18
N LEU B 253 -18.04 -16.35 3.59
CA LEU B 253 -19.43 -16.83 3.54
C LEU B 253 -19.68 -17.94 4.57
N ILE B 254 -20.83 -17.87 5.23
CA ILE B 254 -21.34 -18.95 6.12
C ILE B 254 -22.54 -19.52 5.37
N GLY B 255 -22.34 -20.67 4.73
CA GLY B 255 -23.34 -21.25 3.83
C GLY B 255 -22.71 -22.26 2.90
N GLU B 256 -23.51 -22.76 1.96
CA GLU B 256 -23.08 -23.76 0.97
C GLU B 256 -23.31 -23.26 -0.43
N PHE B 257 -22.34 -23.47 -1.30
CA PHE B 257 -22.47 -23.23 -2.76
C PHE B 257 -22.52 -24.59 -3.45
N ARG B 258 -23.51 -24.75 -4.34
CA ARG B 258 -23.63 -25.94 -5.21
C ARG B 258 -23.57 -25.43 -6.64
N GLY B 259 -22.65 -26.01 -7.42
CA GLY B 259 -22.41 -25.69 -8.81
C GLY B 259 -22.70 -26.87 -9.71
N PHE B 260 -23.43 -26.62 -10.78
CA PHE B 260 -23.82 -27.59 -11.83
C PHE B 260 -23.36 -27.03 -13.19
N LYS B 261 -22.14 -27.37 -13.58
CA LYS B 261 -21.49 -26.96 -14.85
C LYS B 261 -21.38 -25.43 -14.87
N SER B 262 -21.30 -24.84 -13.69
CA SER B 262 -21.30 -23.37 -13.51
C SER B 262 -19.87 -22.86 -13.72
N GLY B 263 -19.69 -21.85 -14.55
CA GLY B 263 -18.39 -21.21 -14.81
C GLY B 263 -18.34 -19.83 -14.16
N HIS B 264 -17.31 -19.05 -14.49
CA HIS B 264 -17.14 -17.68 -13.92
C HIS B 264 -18.39 -16.82 -14.19
N ALA B 265 -19.02 -16.90 -15.38
CA ALA B 265 -20.16 -16.03 -15.75
C ALA B 265 -21.35 -16.29 -14.79
N LEU B 266 -21.72 -17.56 -14.66
CA LEU B 266 -22.91 -17.93 -13.88
C LEU B 266 -22.61 -17.75 -12.39
N ASN B 267 -21.38 -18.04 -11.96
CA ASN B 267 -20.97 -17.78 -10.55
C ASN B 267 -21.22 -16.32 -10.25
N ASN B 268 -20.81 -15.42 -11.14
CA ASN B 268 -20.94 -13.94 -10.96
C ASN B 268 -22.41 -13.54 -11.04
N GLN B 269 -23.18 -14.19 -11.91
CA GLN B 269 -24.66 -13.98 -11.95
C GLN B 269 -25.27 -14.38 -10.60
N LEU B 270 -24.84 -15.50 -10.01
CA LEU B 270 -25.35 -15.89 -8.65
C LEU B 270 -25.01 -14.81 -7.61
N LEU B 271 -23.78 -14.30 -7.61
CA LEU B 271 -23.38 -13.28 -6.60
C LEU B 271 -24.30 -12.06 -6.72
N ARG B 272 -24.58 -11.62 -7.95
N ARG B 272 -24.59 -11.65 -7.95
CA ARG B 272 -25.37 -10.40 -8.23
CA ARG B 272 -25.35 -10.42 -8.26
C ARG B 272 -26.80 -10.63 -7.72
C ARG B 272 -26.79 -10.62 -7.77
N THR B 273 -27.33 -11.85 -7.89
CA THR B 273 -28.68 -12.22 -7.41
C THR B 273 -28.67 -12.23 -5.89
N LEU B 274 -27.64 -12.81 -5.26
CA LEU B 274 -27.55 -12.83 -3.77
C LEU B 274 -27.55 -11.38 -3.26
N ILE B 275 -26.67 -10.54 -3.77
CA ILE B 275 -26.51 -9.14 -3.31
C ILE B 275 -27.88 -8.42 -3.42
N ALA B 276 -28.58 -8.57 -4.53
CA ALA B 276 -29.92 -7.97 -4.77
C ALA B 276 -30.94 -8.55 -3.79
N ASP B 277 -30.85 -9.85 -3.46
CA ASP B 277 -31.80 -10.53 -2.53
C ASP B 277 -31.32 -10.34 -1.08
N LYS B 278 -31.53 -9.16 -0.50
CA LYS B 278 -30.94 -8.82 0.82
C LYS B 278 -31.59 -9.63 1.95
N ASP B 279 -32.79 -10.19 1.74
CA ASP B 279 -33.45 -11.02 2.77
C ASP B 279 -32.82 -12.42 2.82
N ALA B 280 -32.01 -12.80 1.83
CA ALA B 280 -31.33 -14.10 1.78
C ALA B 280 -29.99 -14.07 2.55
N TRP B 281 -29.57 -12.92 3.08
CA TRP B 281 -28.26 -12.86 3.79
C TRP B 281 -28.22 -11.76 4.85
N GLU B 282 -27.35 -11.96 5.84
CA GLU B 282 -27.00 -10.95 6.87
C GLU B 282 -25.48 -10.95 7.05
N VAL B 283 -24.96 -9.81 7.49
CA VAL B 283 -23.55 -9.68 7.93
C VAL B 283 -23.52 -9.96 9.43
N VAL B 284 -22.63 -10.85 9.86
CA VAL B 284 -22.51 -11.23 11.28
C VAL B 284 -21.04 -11.21 11.67
N THR B 285 -20.78 -11.04 12.96
CA THR B 285 -19.45 -11.18 13.57
C THR B 285 -19.59 -12.21 14.70
N PHE B 286 -18.48 -12.77 15.14
CA PHE B 286 -18.46 -13.77 16.24
C PHE B 286 -17.54 -13.28 17.35
N GLU B 287 -18.11 -13.12 18.54
CA GLU B 287 -17.36 -12.80 19.78
C GLU B 287 -16.52 -14.01 20.21
N ASP B 288 -17.03 -15.25 20.08
CA ASP B 288 -16.31 -16.51 20.42
C ASP B 288 -15.87 -17.24 19.15
N ALA B 289 -14.56 -17.42 18.95
CA ALA B 289 -13.95 -17.96 17.70
C ALA B 289 -14.09 -19.49 17.61
N ARG B 290 -13.98 -20.21 18.73
CA ARG B 290 -13.86 -21.69 18.71
C ARG B 290 -15.20 -22.33 18.33
N THR B 291 -16.30 -21.70 18.77
CA THR B 291 -17.69 -22.20 18.59
C THR B 291 -18.34 -21.55 17.35
N ALA B 292 -17.62 -20.72 16.60
CA ALA B 292 -18.12 -20.06 15.36
C ALA B 292 -18.34 -21.13 14.30
N PRO B 293 -19.20 -20.88 13.29
CA PRO B 293 -19.48 -21.87 12.25
C PRO B 293 -18.24 -22.29 11.45
N ILE B 294 -17.24 -21.39 11.40
CA ILE B 294 -16.04 -21.48 10.53
C ILE B 294 -14.81 -21.37 11.43
N SER B 295 -13.71 -21.98 11.03
CA SER B 295 -12.43 -21.89 11.75
C SER B 295 -11.29 -21.62 10.75
N TYR B 296 -10.40 -20.77 11.19
CA TYR B 296 -9.17 -20.47 10.43
C TYR B 296 -8.04 -21.09 11.22
N MET B 297 -6.96 -21.44 10.56
CA MET B 297 -5.84 -21.97 11.36
C MET B 297 -5.13 -20.83 12.05
N ARG B 298 -4.25 -21.15 12.99
CA ARG B 298 -3.44 -20.12 13.68
C ARG B 298 -2.63 -19.28 12.67
N PRO B 299 -2.45 -17.98 12.90
CA PRO B 299 -1.71 -17.15 11.95
C PRO B 299 -0.21 -17.13 12.25
#